data_3EVA
#
_entry.id   3EVA
#
_cell.length_a   105.316
_cell.length_b   105.316
_cell.length_c   51.343
_cell.angle_alpha   90.00
_cell.angle_beta   90.00
_cell.angle_gamma   120.00
#
_symmetry.space_group_name_H-M   'P 65'
#
loop_
_entity.id
_entity.type
_entity.pdbx_description
1 polymer 'RNA-directed RNA polymerase NS5'
2 non-polymer S-ADENOSYL-L-HOMOCYSTEINE
3 water water
#
_entity_poly.entity_id   1
_entity_poly.type   'polypeptide(L)'
_entity_poly.pdbx_seq_one_letter_code
;MGSANGKTLGEVWKRELNLLDKRQFELYKRTDIVEVDRDTARRHLAEGKVDTGVAVSRGTAKLRWFHERGYVKLEGRVID
LGCGRGGWCYYAAAQKEVSGVKGFTLGRDGHEKPMNVQSLGWNIITFKDKTDIHRLEPVKCDTLLCDIGESSSSSVTEGE
RTVRVLDTVEKWLACGVDNFCVKVLAPYMPDVLEKLELLQRRFGGTVIRNPLSRNSTHEMYYVSGARSNVTFTVNQTSRL
LMRRMRRPTGKVTLEADVILPIGTRSVGSSSHHHHHH
;
_entity_poly.pdbx_strand_id   A
#
# COMPACT_ATOMS: atom_id res chain seq x y z
N LYS A 7 3.87 10.74 -22.68
CA LYS A 7 4.58 12.05 -22.70
C LYS A 7 4.86 12.63 -21.31
N THR A 8 4.17 12.15 -20.27
CA THR A 8 4.41 12.68 -18.93
C THR A 8 5.78 12.20 -18.47
N LEU A 9 6.34 12.86 -17.46
CA LEU A 9 7.65 12.46 -16.94
C LEU A 9 7.60 11.00 -16.50
N GLY A 10 6.49 10.60 -15.90
CA GLY A 10 6.34 9.23 -15.45
C GLY A 10 6.39 8.22 -16.59
N GLU A 11 5.77 8.56 -17.72
CA GLU A 11 5.80 7.66 -18.86
C GLU A 11 7.22 7.51 -19.40
N VAL A 12 8.00 8.58 -19.32
CA VAL A 12 9.38 8.53 -19.77
C VAL A 12 10.16 7.64 -18.81
N TRP A 13 9.89 7.78 -17.52
CA TRP A 13 10.53 6.96 -16.50
C TRP A 13 10.32 5.48 -16.81
N LYS A 14 9.10 5.13 -17.21
CA LYS A 14 8.79 3.74 -17.53
C LYS A 14 9.64 3.24 -18.69
N ARG A 15 9.76 4.08 -19.71
CA ARG A 15 10.53 3.73 -20.89
C ARG A 15 11.99 3.48 -20.52
N GLU A 16 12.55 4.38 -19.71
CA GLU A 16 13.94 4.24 -19.28
C GLU A 16 14.13 3.03 -18.38
N LEU A 17 13.14 2.74 -17.54
CA LEU A 17 13.21 1.60 -16.64
C LEU A 17 13.32 0.29 -17.42
N ASN A 18 12.59 0.19 -18.53
CA ASN A 18 12.62 -1.03 -19.32
C ASN A 18 13.94 -1.24 -20.05
N LEU A 19 14.74 -0.18 -20.17
CA LEU A 19 16.03 -0.27 -20.85
C LEU A 19 17.12 -0.86 -19.96
N LEU A 20 16.86 -0.94 -18.66
CA LEU A 20 17.83 -1.46 -17.71
C LEU A 20 17.96 -2.98 -17.74
N ASP A 21 19.21 -3.46 -17.59
CA ASP A 21 19.45 -4.89 -17.57
C ASP A 21 19.24 -5.39 -16.14
N LYS A 22 19.35 -6.69 -15.93
CA LYS A 22 19.15 -7.27 -14.60
C LYS A 22 19.98 -6.58 -13.53
N ARG A 23 21.26 -6.40 -13.79
CA ARG A 23 22.17 -5.75 -12.84
C ARG A 23 21.73 -4.33 -12.50
N GLN A 24 21.50 -3.53 -13.55
CA GLN A 24 21.09 -2.15 -13.36
C GLN A 24 19.76 -2.05 -12.63
N PHE A 25 18.85 -2.97 -12.93
CA PHE A 25 17.53 -2.97 -12.30
C PHE A 25 17.64 -3.19 -10.79
N GLU A 26 18.38 -4.21 -10.40
CA GLU A 26 18.58 -4.53 -8.99
C GLU A 26 19.14 -3.33 -8.23
N LEU A 27 20.20 -2.74 -8.79
CA LEU A 27 20.83 -1.59 -8.16
C LEU A 27 19.89 -0.39 -8.10
N TYR A 28 19.26 -0.07 -9.23
CA TYR A 28 18.35 1.07 -9.28
C TYR A 28 17.19 0.93 -8.30
N LYS A 29 16.57 -0.24 -8.29
CA LYS A 29 15.43 -0.53 -7.43
C LYS A 29 15.61 -0.13 -5.97
N ARG A 30 16.80 -0.34 -5.42
CA ARG A 30 17.06 -0.02 -4.02
C ARG A 30 17.81 1.30 -3.77
N THR A 31 18.17 1.99 -4.84
CA THR A 31 18.91 3.24 -4.70
C THR A 31 18.27 4.31 -3.83
N ASP A 32 18.96 4.64 -2.74
CA ASP A 32 18.51 5.68 -1.80
C ASP A 32 17.15 5.46 -1.14
N ILE A 33 16.67 4.22 -1.10
CA ILE A 33 15.39 3.98 -0.46
C ILE A 33 15.57 3.55 0.98
N VAL A 34 14.46 3.48 1.70
CA VAL A 34 14.46 3.04 3.08
C VAL A 34 13.88 1.63 3.04
N GLU A 35 14.44 0.75 3.88
CA GLU A 35 13.97 -0.63 3.96
C GLU A 35 13.98 -1.08 5.41
N VAL A 36 12.95 -1.82 5.81
CA VAL A 36 12.94 -2.33 7.18
C VAL A 36 13.68 -3.66 7.16
N ASP A 37 14.39 -3.95 8.25
CA ASP A 37 15.13 -5.19 8.38
C ASP A 37 14.13 -6.28 8.73
N ARG A 38 13.93 -7.22 7.80
CA ARG A 38 12.97 -8.31 7.98
C ARG A 38 13.54 -9.61 8.54
N ASP A 39 14.83 -9.63 8.84
CA ASP A 39 15.47 -10.84 9.34
C ASP A 39 14.80 -11.51 10.54
N THR A 40 14.56 -10.75 11.61
CA THR A 40 13.95 -11.33 12.80
C THR A 40 12.53 -11.83 12.52
N ALA A 41 11.75 -11.04 11.82
CA ALA A 41 10.38 -11.43 11.49
C ALA A 41 10.37 -12.73 10.70
N ARG A 42 11.22 -12.82 9.69
CA ARG A 42 11.28 -14.01 8.86
C ARG A 42 11.68 -15.24 9.68
N ARG A 43 12.60 -15.05 10.62
CA ARG A 43 13.03 -16.17 11.46
C ARG A 43 11.86 -16.62 12.34
N HIS A 44 11.20 -15.69 13.00
CA HIS A 44 10.07 -16.02 13.87
C HIS A 44 8.93 -16.71 13.13
N LEU A 45 8.58 -16.21 11.96
CA LEU A 45 7.51 -16.79 11.18
C LEU A 45 7.88 -18.19 10.71
N ALA A 46 9.16 -18.38 10.38
CA ALA A 46 9.63 -19.69 9.92
C ALA A 46 9.55 -20.69 11.06
N GLU A 47 9.68 -20.18 12.28
CA GLU A 47 9.63 -21.00 13.48
C GLU A 47 8.20 -21.23 13.97
N GLY A 48 7.25 -20.57 13.33
CA GLY A 48 5.85 -20.73 13.70
C GLY A 48 5.44 -19.96 14.94
N LYS A 49 6.21 -18.95 15.30
CA LYS A 49 5.90 -18.12 16.46
C LYS A 49 4.79 -17.13 16.13
N VAL A 50 3.79 -17.04 17.00
CA VAL A 50 2.66 -16.15 16.78
C VAL A 50 2.48 -15.12 17.88
N ASP A 51 3.34 -15.18 18.90
CA ASP A 51 3.23 -14.27 20.03
C ASP A 51 4.43 -13.36 20.26
N THR A 52 5.15 -12.99 19.19
CA THR A 52 6.31 -12.12 19.35
C THR A 52 6.06 -10.72 18.80
N GLY A 53 4.90 -10.51 18.20
CA GLY A 53 4.56 -9.20 17.68
C GLY A 53 5.18 -8.78 16.36
N VAL A 54 5.88 -9.69 15.69
CA VAL A 54 6.51 -9.34 14.41
C VAL A 54 5.46 -9.17 13.32
N ALA A 55 5.81 -8.39 12.30
CA ALA A 55 4.90 -8.15 11.18
C ALA A 55 4.91 -9.29 10.18
N VAL A 56 3.72 -9.63 9.66
CA VAL A 56 3.64 -10.72 8.68
C VAL A 56 4.16 -10.35 7.29
N SER A 57 4.36 -9.05 7.06
CA SER A 57 4.87 -8.60 5.77
C SER A 57 5.47 -7.22 5.91
N ARG A 58 6.13 -6.76 4.83
CA ARG A 58 6.73 -5.43 4.82
C ARG A 58 5.64 -4.37 4.79
N GLY A 59 4.40 -4.80 4.53
CA GLY A 59 3.29 -3.86 4.46
C GLY A 59 2.97 -3.16 5.75
N THR A 60 3.19 -3.81 6.88
CA THR A 60 2.90 -3.21 8.18
C THR A 60 3.67 -1.90 8.32
N ALA A 61 4.96 -1.93 8.00
CA ALA A 61 5.81 -0.74 8.09
C ALA A 61 5.31 0.35 7.13
N LYS A 62 4.85 -0.04 5.96
CA LYS A 62 4.34 0.91 4.98
C LYS A 62 3.14 1.68 5.52
N LEU A 63 2.16 0.96 6.07
CA LEU A 63 0.98 1.63 6.61
C LEU A 63 1.34 2.45 7.84
N ARG A 64 2.26 1.94 8.67
CA ARG A 64 2.67 2.67 9.85
C ARG A 64 3.20 4.04 9.48
N TRP A 65 3.98 4.11 8.39
CA TRP A 65 4.55 5.38 7.96
C TRP A 65 3.45 6.39 7.68
N PHE A 66 2.40 5.98 6.98
CA PHE A 66 1.30 6.89 6.70
C PHE A 66 0.55 7.28 7.96
N HIS A 67 0.27 6.28 8.79
CA HIS A 67 -0.47 6.47 10.03
C HIS A 67 0.21 7.38 11.06
N GLU A 68 1.50 7.17 11.29
CA GLU A 68 2.24 7.93 12.28
C GLU A 68 2.39 9.41 11.98
N ARG A 69 2.15 9.82 10.73
CA ARG A 69 2.29 11.22 10.37
C ARG A 69 0.98 11.84 9.88
N GLY A 70 -0.13 11.19 10.23
CA GLY A 70 -1.45 11.70 9.90
C GLY A 70 -1.95 11.64 8.47
N TYR A 71 -1.30 10.87 7.60
CA TYR A 71 -1.78 10.79 6.22
C TYR A 71 -3.06 9.98 6.17
N VAL A 72 -3.25 9.10 7.15
CA VAL A 72 -4.49 8.32 7.24
C VAL A 72 -4.76 7.99 8.69
N LYS A 73 -6.00 8.26 9.12
CA LYS A 73 -6.40 7.93 10.48
C LYS A 73 -6.99 6.53 10.39
N LEU A 74 -6.70 5.69 11.37
CA LEU A 74 -7.24 4.34 11.38
C LEU A 74 -8.25 4.35 12.51
N GLU A 75 -9.53 4.33 12.14
CA GLU A 75 -10.61 4.42 13.11
C GLU A 75 -11.83 3.56 12.81
N GLY A 76 -12.51 3.14 13.87
CA GLY A 76 -13.73 2.37 13.74
C GLY A 76 -13.65 1.11 12.92
N ARG A 77 -14.61 0.97 12.02
CA ARG A 77 -14.70 -0.18 11.13
C ARG A 77 -13.73 -0.04 9.97
N VAL A 78 -12.74 -0.94 9.94
CA VAL A 78 -11.73 -0.93 8.91
C VAL A 78 -11.95 -2.05 7.91
N ILE A 79 -11.81 -1.74 6.64
CA ILE A 79 -11.94 -2.75 5.58
C ILE A 79 -10.64 -2.67 4.80
N ASP A 80 -10.03 -3.83 4.56
CA ASP A 80 -8.76 -3.90 3.83
C ASP A 80 -8.94 -4.75 2.59
N LEU A 81 -8.97 -4.10 1.43
CA LEU A 81 -9.14 -4.78 0.16
C LEU A 81 -7.77 -5.21 -0.38
N GLY A 82 -7.64 -6.51 -0.64
CA GLY A 82 -6.37 -7.04 -1.11
C GLY A 82 -5.43 -7.14 0.07
N CYS A 83 -5.90 -7.73 1.16
CA CYS A 83 -5.10 -7.83 2.37
C CYS A 83 -3.87 -8.74 2.31
N GLY A 84 -3.87 -9.70 1.39
CA GLY A 84 -2.73 -10.60 1.30
C GLY A 84 -2.49 -11.31 2.62
N ARG A 85 -1.22 -11.33 3.05
CA ARG A 85 -0.84 -11.96 4.33
C ARG A 85 -1.52 -11.28 5.52
N GLY A 86 -1.92 -10.02 5.36
CA GLY A 86 -2.59 -9.30 6.42
C GLY A 86 -1.82 -8.22 7.16
N GLY A 87 -0.69 -7.79 6.58
CA GLY A 87 0.11 -6.77 7.23
C GLY A 87 -0.61 -5.50 7.66
N TRP A 88 -1.54 -5.03 6.83
CA TRP A 88 -2.29 -3.84 7.16
C TRP A 88 -3.39 -4.14 8.16
N CYS A 89 -3.96 -5.34 8.07
CA CYS A 89 -5.01 -5.76 8.98
C CYS A 89 -4.48 -5.84 10.41
N TYR A 90 -3.31 -6.47 10.57
CA TYR A 90 -2.73 -6.57 11.90
C TYR A 90 -2.33 -5.22 12.46
N TYR A 91 -1.79 -4.35 11.61
CA TYR A 91 -1.41 -3.04 12.08
C TYR A 91 -2.64 -2.28 12.56
N ALA A 92 -3.69 -2.29 11.74
CA ALA A 92 -4.92 -1.60 12.12
C ALA A 92 -5.54 -2.16 13.39
N ALA A 93 -5.59 -3.48 13.49
CA ALA A 93 -6.18 -4.15 14.65
C ALA A 93 -5.54 -3.78 15.98
N ALA A 94 -4.28 -3.36 15.94
CA ALA A 94 -3.55 -3.00 17.16
C ALA A 94 -3.80 -1.57 17.62
N GLN A 95 -4.54 -0.79 16.83
CA GLN A 95 -4.80 0.60 17.18
C GLN A 95 -6.08 0.73 18.00
N LYS A 96 -5.98 1.38 19.16
CA LYS A 96 -7.12 1.54 20.05
C LYS A 96 -8.36 2.16 19.42
N GLU A 97 -8.16 3.04 18.46
CA GLU A 97 -9.29 3.71 17.80
C GLU A 97 -10.07 2.81 16.85
N VAL A 98 -9.49 1.66 16.51
CA VAL A 98 -10.14 0.71 15.61
C VAL A 98 -11.03 -0.28 16.37
N SER A 99 -12.24 -0.49 15.87
CA SER A 99 -13.19 -1.39 16.54
C SER A 99 -13.34 -2.74 15.85
N GLY A 100 -12.95 -2.83 14.59
CA GLY A 100 -13.06 -4.08 13.86
C GLY A 100 -12.33 -3.99 12.54
N VAL A 101 -11.87 -5.13 12.05
CA VAL A 101 -11.13 -5.17 10.80
C VAL A 101 -11.61 -6.32 9.91
N LYS A 102 -11.95 -6.00 8.67
CA LYS A 102 -12.38 -7.02 7.72
C LYS A 102 -11.41 -7.00 6.56
N GLY A 103 -10.70 -8.11 6.36
CA GLY A 103 -9.76 -8.19 5.26
C GLY A 103 -10.24 -9.14 4.18
N PHE A 104 -10.07 -8.74 2.93
CA PHE A 104 -10.48 -9.56 1.78
C PHE A 104 -9.32 -9.71 0.82
N THR A 105 -9.11 -10.92 0.30
CA THR A 105 -8.02 -11.14 -0.64
C THR A 105 -8.28 -12.40 -1.47
N LEU A 106 -7.62 -12.51 -2.62
CA LEU A 106 -7.79 -13.66 -3.50
C LEU A 106 -7.27 -14.92 -2.81
N GLY A 107 -6.05 -14.85 -2.30
CA GLY A 107 -5.46 -15.98 -1.60
C GLY A 107 -5.61 -17.31 -2.31
N ARG A 108 -5.25 -17.36 -3.58
CA ARG A 108 -5.37 -18.59 -4.36
C ARG A 108 -4.60 -18.47 -5.67
N ASP A 109 -4.30 -19.61 -6.27
CA ASP A 109 -3.58 -19.65 -7.55
C ASP A 109 -2.31 -18.80 -7.49
N GLY A 110 -1.55 -18.94 -6.42
CA GLY A 110 -0.31 -18.19 -6.27
C GLY A 110 -0.43 -16.97 -5.38
N HIS A 111 -1.62 -16.40 -5.30
CA HIS A 111 -1.86 -15.23 -4.47
C HIS A 111 -1.73 -15.54 -2.98
N GLU A 112 -0.98 -14.70 -2.27
CA GLU A 112 -0.74 -14.88 -0.84
C GLU A 112 -2.03 -15.00 -0.03
N LYS A 113 -2.04 -15.93 0.92
CA LYS A 113 -3.19 -16.15 1.77
C LYS A 113 -2.95 -15.45 3.12
N PRO A 114 -4.04 -15.09 3.83
CA PRO A 114 -3.89 -14.43 5.12
C PRO A 114 -3.08 -15.28 6.08
N MET A 115 -2.15 -14.67 6.79
CA MET A 115 -1.31 -15.38 7.74
C MET A 115 -1.93 -15.21 9.13
N ASN A 116 -1.83 -16.25 9.95
CA ASN A 116 -2.41 -16.18 11.29
C ASN A 116 -1.38 -16.04 12.39
N VAL A 117 -1.35 -14.87 13.02
CA VAL A 117 -0.46 -14.61 14.14
C VAL A 117 -1.33 -13.96 15.19
N GLN A 118 -0.82 -13.81 16.40
CA GLN A 118 -1.63 -13.23 17.45
C GLN A 118 -1.10 -11.93 18.05
N SER A 119 -0.83 -10.97 17.18
CA SER A 119 -0.39 -9.66 17.62
C SER A 119 -1.66 -8.98 18.15
N LEU A 120 -1.49 -7.89 18.89
CA LEU A 120 -2.63 -7.20 19.50
C LEU A 120 -3.86 -6.99 18.63
N GLY A 121 -5.01 -7.46 19.11
CA GLY A 121 -6.25 -7.30 18.38
C GLY A 121 -6.53 -8.29 17.28
N TRP A 122 -5.73 -9.34 17.19
CA TRP A 122 -5.96 -10.34 16.15
C TRP A 122 -7.41 -10.83 16.20
N ASN A 123 -8.00 -10.84 17.40
CA ASN A 123 -9.36 -11.33 17.57
C ASN A 123 -10.45 -10.44 17.01
N ILE A 124 -10.11 -9.23 16.57
CA ILE A 124 -11.13 -8.36 16.01
C ILE A 124 -11.03 -8.34 14.48
N ILE A 125 -10.17 -9.18 13.94
CA ILE A 125 -9.98 -9.29 12.50
C ILE A 125 -10.73 -10.47 11.92
N THR A 126 -11.38 -10.24 10.78
CA THR A 126 -12.08 -11.30 10.09
C THR A 126 -11.47 -11.35 8.69
N PHE A 127 -10.72 -12.42 8.41
CA PHE A 127 -10.07 -12.59 7.12
C PHE A 127 -10.98 -13.39 6.20
N LYS A 128 -11.04 -13.00 4.92
CA LYS A 128 -11.85 -13.70 3.94
C LYS A 128 -11.04 -13.85 2.66
N ASP A 129 -10.65 -15.07 2.33
CA ASP A 129 -9.87 -15.32 1.13
C ASP A 129 -10.79 -15.74 0.00
N LYS A 130 -10.21 -16.14 -1.13
CA LYS A 130 -10.99 -16.57 -2.29
C LYS A 130 -12.00 -15.49 -2.63
N THR A 131 -11.58 -14.23 -2.51
CA THR A 131 -12.47 -13.11 -2.80
C THR A 131 -11.87 -12.10 -3.76
N ASP A 132 -12.57 -11.87 -4.87
CA ASP A 132 -12.14 -10.88 -5.86
C ASP A 132 -12.85 -9.61 -5.43
N ILE A 133 -12.10 -8.64 -4.92
CA ILE A 133 -12.71 -7.41 -4.44
C ILE A 133 -13.37 -6.55 -5.51
N HIS A 134 -13.12 -6.83 -6.78
CA HIS A 134 -13.74 -6.06 -7.86
C HIS A 134 -15.21 -6.45 -8.00
N ARG A 135 -15.56 -7.64 -7.52
CA ARG A 135 -16.93 -8.12 -7.60
C ARG A 135 -17.60 -8.20 -6.22
N LEU A 136 -16.90 -7.73 -5.20
CA LEU A 136 -17.42 -7.75 -3.84
C LEU A 136 -18.35 -6.55 -3.60
N GLU A 137 -19.56 -6.83 -3.12
CA GLU A 137 -20.52 -5.77 -2.85
C GLU A 137 -19.97 -4.85 -1.77
N PRO A 138 -19.91 -3.54 -2.03
CA PRO A 138 -19.40 -2.60 -1.03
C PRO A 138 -20.12 -2.73 0.31
N VAL A 139 -19.33 -2.55 1.38
CA VAL A 139 -19.82 -2.64 2.75
C VAL A 139 -19.51 -1.32 3.44
N LYS A 140 -20.41 -0.87 4.31
CA LYS A 140 -20.22 0.38 5.05
C LYS A 140 -19.08 0.22 6.04
N CYS A 141 -18.19 1.20 6.06
CA CYS A 141 -17.05 1.19 6.99
C CYS A 141 -16.63 2.63 7.26
N ASP A 142 -15.67 2.82 8.15
CA ASP A 142 -15.18 4.14 8.50
C ASP A 142 -13.82 4.41 7.90
N THR A 143 -13.03 3.35 7.75
CA THR A 143 -11.68 3.45 7.21
C THR A 143 -11.52 2.42 6.10
N LEU A 144 -11.24 2.89 4.89
CA LEU A 144 -11.07 2.00 3.74
C LEU A 144 -9.62 1.93 3.29
N LEU A 145 -9.09 0.71 3.28
CA LEU A 145 -7.71 0.48 2.85
C LEU A 145 -7.71 -0.43 1.64
N CYS A 146 -6.78 -0.18 0.71
CA CYS A 146 -6.67 -1.01 -0.48
C CYS A 146 -5.23 -0.93 -0.94
N ASP A 147 -4.57 -2.08 -1.05
CA ASP A 147 -3.16 -2.11 -1.45
C ASP A 147 -2.98 -3.04 -2.64
N ILE A 148 -3.72 -2.77 -3.71
CA ILE A 148 -3.71 -3.57 -4.92
C ILE A 148 -3.14 -2.83 -6.13
N GLY A 149 -2.36 -3.54 -6.93
CA GLY A 149 -1.76 -2.94 -8.11
C GLY A 149 -0.55 -3.73 -8.54
N GLU A 150 -0.71 -4.51 -9.60
CA GLU A 150 0.35 -5.35 -10.13
C GLU A 150 1.19 -4.64 -11.18
N SER A 151 2.51 -4.56 -10.95
CA SER A 151 3.41 -3.89 -11.87
C SER A 151 3.46 -4.55 -13.25
N SER A 152 3.71 -3.75 -14.28
CA SER A 152 3.80 -4.24 -15.65
C SER A 152 4.84 -3.43 -16.41
N SER A 153 5.52 -4.07 -17.35
CA SER A 153 6.52 -3.38 -18.15
C SER A 153 5.79 -2.40 -19.08
N SER A 154 4.49 -2.61 -19.25
CA SER A 154 3.70 -1.73 -20.11
C SER A 154 3.01 -0.63 -19.31
N SER A 155 3.28 0.62 -19.66
CA SER A 155 2.65 1.74 -18.97
C SER A 155 1.16 1.74 -19.25
N VAL A 156 0.77 1.34 -20.47
CA VAL A 156 -0.65 1.26 -20.81
C VAL A 156 -1.32 0.28 -19.85
N THR A 157 -0.70 -0.87 -19.65
CA THR A 157 -1.23 -1.89 -18.76
C THR A 157 -1.29 -1.40 -17.31
N GLU A 158 -0.23 -0.71 -16.85
CA GLU A 158 -0.26 -0.20 -15.49
C GLU A 158 -1.39 0.81 -15.34
N GLY A 159 -1.62 1.59 -16.40
CA GLY A 159 -2.70 2.56 -16.36
C GLY A 159 -4.05 1.87 -16.26
N GLU A 160 -4.25 0.84 -17.06
CA GLU A 160 -5.52 0.10 -17.04
C GLU A 160 -5.75 -0.49 -15.66
N ARG A 161 -4.72 -1.09 -15.09
CA ARG A 161 -4.84 -1.70 -13.77
C ARG A 161 -5.15 -0.68 -12.69
N THR A 162 -4.54 0.49 -12.80
CA THR A 162 -4.76 1.56 -11.82
C THR A 162 -6.17 2.13 -11.91
N VAL A 163 -6.64 2.37 -13.13
CA VAL A 163 -7.98 2.92 -13.29
C VAL A 163 -9.02 1.91 -12.81
N ARG A 164 -8.75 0.63 -12.99
CA ARG A 164 -9.69 -0.39 -12.53
C ARG A 164 -9.79 -0.35 -11.01
N VAL A 165 -8.65 -0.24 -10.34
CA VAL A 165 -8.64 -0.18 -8.88
C VAL A 165 -9.40 1.06 -8.40
N LEU A 166 -9.11 2.21 -9.01
CA LEU A 166 -9.79 3.45 -8.61
C LEU A 166 -11.28 3.37 -8.91
N ASP A 167 -11.64 2.69 -9.99
CA ASP A 167 -13.04 2.53 -10.37
C ASP A 167 -13.76 1.74 -9.29
N THR A 168 -13.15 0.65 -8.84
CA THR A 168 -13.75 -0.15 -7.79
C THR A 168 -13.79 0.58 -6.47
N VAL A 169 -12.67 1.20 -6.09
CA VAL A 169 -12.60 1.92 -4.84
C VAL A 169 -13.63 3.04 -4.75
N GLU A 170 -13.91 3.70 -5.88
CA GLU A 170 -14.91 4.76 -5.85
C GLU A 170 -16.28 4.25 -5.38
N LYS A 171 -16.62 2.99 -5.69
CA LYS A 171 -17.89 2.42 -5.25
C LYS A 171 -17.93 2.36 -3.73
N TRP A 172 -16.78 2.01 -3.14
CA TRP A 172 -16.70 1.90 -1.68
C TRP A 172 -16.70 3.27 -1.02
N LEU A 173 -15.95 4.21 -1.58
CA LEU A 173 -15.91 5.56 -1.00
C LEU A 173 -17.29 6.22 -1.06
N ALA A 174 -18.06 5.89 -2.09
CA ALA A 174 -19.40 6.47 -2.25
C ALA A 174 -20.35 6.06 -1.11
N CYS A 175 -20.00 5.01 -0.38
CA CYS A 175 -20.85 4.56 0.72
C CYS A 175 -20.69 5.51 1.90
N GLY A 176 -19.64 6.33 1.85
CA GLY A 176 -19.37 7.28 2.92
C GLY A 176 -18.33 6.74 3.87
N VAL A 177 -17.09 7.20 3.73
CA VAL A 177 -16.01 6.76 4.60
C VAL A 177 -15.25 7.98 5.12
N ASP A 178 -14.74 7.89 6.34
CA ASP A 178 -14.01 9.01 6.92
C ASP A 178 -12.53 9.00 6.54
N ASN A 179 -11.95 7.81 6.47
CA ASN A 179 -10.53 7.68 6.17
C ASN A 179 -10.24 6.67 5.08
N PHE A 180 -9.18 6.91 4.33
CA PHE A 180 -8.79 5.97 3.28
C PHE A 180 -7.32 6.04 2.93
N CYS A 181 -6.81 4.92 2.43
CA CYS A 181 -5.42 4.79 2.01
C CYS A 181 -5.47 3.75 0.91
N VAL A 182 -5.33 4.20 -0.32
CA VAL A 182 -5.43 3.36 -1.50
C VAL A 182 -4.21 3.42 -2.41
N LYS A 183 -3.65 2.27 -2.74
CA LYS A 183 -2.50 2.22 -3.62
C LYS A 183 -2.88 2.64 -5.03
N VAL A 184 -2.08 3.53 -5.61
CA VAL A 184 -2.27 4.00 -6.97
C VAL A 184 -0.99 3.58 -7.69
N LEU A 185 -1.07 2.47 -8.40
CA LEU A 185 0.08 1.90 -9.10
C LEU A 185 0.79 2.84 -10.06
N ALA A 186 0.03 3.43 -10.98
CA ALA A 186 0.60 4.31 -11.98
C ALA A 186 -0.04 5.69 -11.97
N PRO A 187 0.32 6.51 -10.96
CA PRO A 187 -0.26 7.86 -10.87
C PRO A 187 0.21 8.80 -11.98
N TYR A 188 1.25 8.38 -12.70
CA TYR A 188 1.81 9.18 -13.79
C TYR A 188 1.03 9.10 -15.09
N MET A 189 0.15 8.10 -15.23
CA MET A 189 -0.64 7.97 -16.46
C MET A 189 -1.70 9.07 -16.48
N PRO A 190 -1.83 9.78 -17.62
CA PRO A 190 -2.81 10.86 -17.73
C PRO A 190 -4.26 10.56 -17.35
N ASP A 191 -4.78 9.40 -17.73
CA ASP A 191 -6.16 9.06 -17.38
C ASP A 191 -6.27 8.92 -15.86
N VAL A 192 -5.20 8.42 -15.24
CA VAL A 192 -5.19 8.25 -13.78
C VAL A 192 -5.13 9.61 -13.10
N LEU A 193 -4.29 10.50 -13.60
CA LEU A 193 -4.20 11.85 -13.01
C LEU A 193 -5.57 12.50 -13.00
N GLU A 194 -6.28 12.39 -14.11
CA GLU A 194 -7.61 12.97 -14.20
C GLU A 194 -8.60 12.33 -13.24
N LYS A 195 -8.53 11.00 -13.09
CA LYS A 195 -9.42 10.32 -12.17
C LYS A 195 -9.13 10.77 -10.73
N LEU A 196 -7.84 10.92 -10.41
CA LEU A 196 -7.44 11.37 -9.07
C LEU A 196 -7.94 12.79 -8.81
N GLU A 197 -7.87 13.65 -9.82
CA GLU A 197 -8.34 15.02 -9.66
C GLU A 197 -9.84 15.02 -9.41
N LEU A 198 -10.57 14.14 -10.09
CA LEU A 198 -12.01 14.04 -9.91
C LEU A 198 -12.34 13.47 -8.52
N LEU A 199 -11.62 12.42 -8.11
CA LEU A 199 -11.85 11.84 -6.80
C LEU A 199 -11.53 12.83 -5.69
N GLN A 200 -10.48 13.62 -5.90
CA GLN A 200 -10.09 14.61 -4.90
C GLN A 200 -11.18 15.65 -4.71
N ARG A 201 -11.86 16.04 -5.78
CA ARG A 201 -12.92 17.03 -5.67
C ARG A 201 -14.15 16.42 -5.00
N ARG A 202 -14.31 15.12 -5.14
CA ARG A 202 -15.45 14.42 -4.57
C ARG A 202 -15.25 13.94 -3.13
N PHE A 203 -14.07 13.41 -2.84
CA PHE A 203 -13.78 12.86 -1.51
C PHE A 203 -12.60 13.47 -0.77
N GLY A 204 -11.92 14.42 -1.40
CA GLY A 204 -10.78 15.04 -0.76
C GLY A 204 -9.52 14.18 -0.90
N GLY A 205 -8.54 14.43 -0.04
CA GLY A 205 -7.32 13.66 -0.07
C GLY A 205 -6.34 14.06 -1.15
N THR A 206 -5.28 13.28 -1.29
CA THR A 206 -4.25 13.51 -2.29
C THR A 206 -3.37 12.27 -2.37
N VAL A 207 -2.37 12.28 -3.24
CA VAL A 207 -1.47 11.12 -3.36
C VAL A 207 -0.12 11.43 -2.72
N ILE A 208 0.40 10.46 -1.99
CA ILE A 208 1.66 10.58 -1.28
C ILE A 208 2.60 9.41 -1.61
N ARG A 209 3.87 9.71 -1.82
CA ARG A 209 4.88 8.69 -2.10
C ARG A 209 5.42 8.19 -0.75
N ASN A 210 5.42 6.87 -0.57
CA ASN A 210 5.92 6.25 0.66
C ASN A 210 7.42 6.00 0.47
N PRO A 211 8.25 6.42 1.43
CA PRO A 211 9.69 6.21 1.28
C PRO A 211 10.14 4.76 1.27
N LEU A 212 9.25 3.85 1.68
CA LEU A 212 9.59 2.43 1.68
C LEU A 212 9.32 1.78 0.32
N SER A 213 8.73 2.52 -0.60
CA SER A 213 8.47 1.98 -1.94
C SER A 213 9.79 1.92 -2.71
N ARG A 214 9.97 0.86 -3.50
CA ARG A 214 11.18 0.73 -4.29
C ARG A 214 11.09 1.60 -5.55
N ASN A 215 12.24 1.98 -6.10
CA ASN A 215 12.28 2.84 -7.29
C ASN A 215 11.75 2.16 -8.55
N SER A 216 11.59 0.84 -8.50
CA SER A 216 11.10 0.08 -9.64
C SER A 216 9.60 0.27 -9.88
N THR A 217 8.93 0.98 -8.99
CA THR A 217 7.50 1.25 -9.14
C THR A 217 7.23 2.71 -8.84
N HIS A 218 6.27 3.30 -9.55
CA HIS A 218 5.93 4.71 -9.35
C HIS A 218 4.74 4.84 -8.41
N GLU A 219 4.38 3.75 -7.75
CA GLU A 219 3.23 3.75 -6.84
C GLU A 219 3.23 4.89 -5.83
N MET A 220 2.03 5.44 -5.62
CA MET A 220 1.80 6.49 -4.64
C MET A 220 0.46 6.11 -4.01
N TYR A 221 0.17 6.63 -2.82
CA TYR A 221 -1.08 6.27 -2.17
C TYR A 221 -2.04 7.44 -2.02
N TYR A 222 -3.29 7.20 -2.41
CA TYR A 222 -4.36 8.18 -2.31
C TYR A 222 -4.82 8.07 -0.86
N VAL A 223 -4.59 9.14 -0.11
CA VAL A 223 -4.92 9.18 1.31
C VAL A 223 -5.80 10.36 1.69
N SER A 224 -6.55 10.19 2.78
CA SER A 224 -7.48 11.19 3.27
C SER A 224 -6.93 12.31 4.15
N GLY A 225 -5.74 12.10 4.71
CA GLY A 225 -5.18 13.07 5.63
C GLY A 225 -4.46 14.30 5.13
N ALA A 226 -4.42 14.50 3.81
CA ALA A 226 -3.75 15.68 3.26
C ALA A 226 -4.40 16.04 1.94
N ARG A 227 -4.22 17.28 1.52
CA ARG A 227 -4.77 17.77 0.27
C ARG A 227 -3.69 18.58 -0.40
N SER A 228 -3.39 18.26 -1.66
CA SER A 228 -2.36 18.98 -2.39
C SER A 228 -2.60 18.83 -3.88
N ASN A 229 -1.80 19.56 -4.66
CA ASN A 229 -1.87 19.54 -6.10
C ASN A 229 -1.36 18.18 -6.58
N VAL A 230 -2.27 17.37 -7.14
CA VAL A 230 -1.90 16.04 -7.60
C VAL A 230 -0.84 16.02 -8.71
N THR A 231 -1.05 16.78 -9.77
CA THR A 231 -0.09 16.79 -10.86
C THR A 231 1.29 17.23 -10.41
N PHE A 232 1.35 18.27 -9.57
CA PHE A 232 2.64 18.74 -9.10
C PHE A 232 3.39 17.68 -8.30
N THR A 233 2.72 17.10 -7.31
CA THR A 233 3.40 16.13 -6.47
C THR A 233 3.73 14.82 -7.20
N VAL A 234 2.90 14.39 -8.13
CA VAL A 234 3.24 13.18 -8.87
C VAL A 234 4.53 13.45 -9.67
N ASN A 235 4.62 14.63 -10.28
CA ASN A 235 5.81 14.97 -11.03
C ASN A 235 7.06 15.13 -10.15
N GLN A 236 6.87 15.52 -8.89
CA GLN A 236 8.01 15.65 -7.97
C GLN A 236 8.60 14.25 -7.81
N THR A 237 7.72 13.26 -7.66
CA THR A 237 8.19 11.89 -7.52
C THR A 237 8.81 11.39 -8.82
N SER A 238 8.24 11.77 -9.97
CA SER A 238 8.83 11.35 -11.24
C SER A 238 10.26 11.89 -11.33
N ARG A 239 10.46 13.14 -10.91
CA ARG A 239 11.79 13.74 -10.96
C ARG A 239 12.75 13.00 -10.03
N LEU A 240 12.29 12.64 -8.84
CA LEU A 240 13.14 11.92 -7.91
C LEU A 240 13.54 10.55 -8.47
N LEU A 241 12.57 9.84 -9.04
CA LEU A 241 12.85 8.51 -9.61
C LEU A 241 13.85 8.58 -10.74
N MET A 242 13.81 9.63 -11.53
CA MET A 242 14.75 9.77 -12.63
C MET A 242 16.14 10.16 -12.17
N ARG A 243 16.24 10.98 -11.13
CA ARG A 243 17.55 11.35 -10.61
C ARG A 243 18.25 10.08 -10.13
N ARG A 244 17.48 9.23 -9.47
CA ARG A 244 18.03 7.99 -8.93
C ARG A 244 18.46 7.02 -10.02
N MET A 245 17.86 7.11 -11.19
CA MET A 245 18.23 6.20 -12.27
C MET A 245 19.55 6.65 -12.90
N ARG A 246 19.85 7.94 -12.80
CA ARG A 246 21.10 8.47 -13.36
C ARG A 246 22.27 8.21 -12.41
N ARG A 247 21.95 7.98 -11.14
CA ARG A 247 22.97 7.69 -10.13
C ARG A 247 22.51 6.48 -9.31
N PRO A 248 22.49 5.30 -9.94
CA PRO A 248 22.07 4.04 -9.32
C PRO A 248 23.11 3.39 -8.41
N THR A 249 23.29 3.97 -7.22
CA THR A 249 24.27 3.48 -6.25
C THR A 249 23.82 2.24 -5.49
N GLY A 250 22.51 2.03 -5.42
CA GLY A 250 21.99 0.89 -4.69
C GLY A 250 22.12 1.08 -3.18
N LYS A 251 22.37 2.31 -2.75
CA LYS A 251 22.54 2.62 -1.32
C LYS A 251 21.21 2.56 -0.58
N VAL A 252 21.13 1.69 0.42
CA VAL A 252 19.91 1.53 1.20
C VAL A 252 20.04 1.99 2.65
N THR A 253 18.96 2.52 3.18
CA THR A 253 18.90 2.99 4.57
C THR A 253 18.02 1.98 5.31
N LEU A 254 18.64 1.20 6.19
CA LEU A 254 17.91 0.19 6.96
C LEU A 254 17.28 0.76 8.22
N GLU A 255 16.04 0.36 8.46
CA GLU A 255 15.30 0.81 9.62
C GLU A 255 14.73 -0.39 10.36
N ALA A 256 14.45 -0.21 11.64
CA ALA A 256 13.90 -1.28 12.45
C ALA A 256 12.46 -1.56 12.02
N ASP A 257 12.14 -2.84 11.88
CA ASP A 257 10.81 -3.26 11.46
C ASP A 257 9.81 -3.01 12.59
N VAL A 258 8.52 -3.12 12.29
CA VAL A 258 7.48 -2.89 13.29
C VAL A 258 7.28 -4.09 14.21
N ILE A 259 7.22 -3.81 15.51
CA ILE A 259 6.95 -4.83 16.53
C ILE A 259 5.70 -4.37 17.25
N LEU A 260 4.62 -5.12 17.12
CA LEU A 260 3.36 -4.77 17.74
C LEU A 260 3.17 -5.47 19.08
N PRO A 261 2.24 -4.95 19.91
CA PRO A 261 1.99 -5.59 21.20
C PRO A 261 1.34 -6.92 20.84
N ILE A 262 1.11 -7.78 21.83
CA ILE A 262 0.51 -9.07 21.54
C ILE A 262 -0.75 -9.32 22.34
N GLY A 263 -1.49 -10.34 21.96
CA GLY A 263 -2.69 -10.71 22.70
C GLY A 263 -4.00 -10.22 22.11
N THR A 264 -5.09 -10.63 22.76
CA THR A 264 -6.42 -10.24 22.32
C THR A 264 -6.80 -8.91 22.95
N ARG A 265 -7.74 -8.23 22.30
CA ARG A 265 -8.26 -6.98 22.83
C ARG A 265 -9.59 -7.48 23.41
N SER A 266 -9.74 -7.37 24.73
CA SER A 266 -10.95 -7.88 25.34
C SER A 266 -11.71 -6.89 26.22
N VAL A 267 -12.80 -7.39 26.80
CA VAL A 267 -13.70 -6.65 27.67
C VAL A 267 -14.79 -5.96 26.86
N SAH B . -1.07 -4.65 2.44
CA SAH B . -0.75 -6.08 2.45
CB SAH B . -0.04 -6.47 1.14
CG SAH B . -1.02 -6.45 -0.03
SD SAH B . -0.27 -7.02 -1.60
C SAH B . 0.18 -6.38 3.62
O SAH B . 0.57 -7.57 3.75
OXT SAH B . 0.48 -5.43 4.38
C5' SAH B . -1.76 -7.02 -2.66
C4' SAH B . -2.68 -8.22 -2.41
O4' SAH B . -3.89 -8.01 -3.15
C3' SAH B . -2.05 -9.52 -2.93
O3' SAH B . -2.24 -10.58 -2.00
C2' SAH B . -2.86 -9.79 -4.20
O2' SAH B . -2.94 -11.20 -4.42
C1' SAH B . -4.23 -9.29 -3.73
N9 SAH B . -5.17 -9.06 -4.86
C8 SAH B . -4.85 -8.69 -6.09
N7 SAH B . -5.97 -8.54 -6.81
C5 SAH B . -6.99 -8.83 -6.03
C6 SAH B . -8.38 -8.84 -6.21
N6 SAH B . -8.91 -8.54 -7.39
N1 SAH B . -9.16 -9.18 -5.17
C2 SAH B . -8.64 -9.50 -4.00
N3 SAH B . -7.33 -9.50 -3.79
C4 SAH B . -6.49 -9.16 -4.78
#